data_5CG9
#
_entry.id   5CG9
#
_cell.length_a   191.216
_cell.length_b   191.216
_cell.length_c   51.254
_cell.angle_alpha   90.00
_cell.angle_beta   90.00
_cell.angle_gamma   120.00
#
_symmetry.space_group_name_H-M   'P 32 2 1'
#
loop_
_entity.id
_entity.type
_entity.pdbx_description
1 polymer 'Tet-like dioxygenase'
2 polymer "DNA (5'-D(P*CP*AP*TP*GP*CP*GP*CP*TP*GP*AP*C)-3')"
3 polymer "DNA (5'-D(*TP*GP*TP*CP*AP*GP*(5CM)P*GP*CP*AP*TP*GP*G)-3')"
4 non-polymer 'SULFATE ION'
5 non-polymer '2-OXOGLUTARIC ACID'
6 non-polymer 'MANGANESE (II) ION'
7 non-polymer 1,2-ETHANEDIOL
8 water water
#
loop_
_entity_poly.entity_id
_entity_poly.type
_entity_poly.pdbx_seq_one_letter_code
_entity_poly.pdbx_strand_id
1 'polypeptide(L)'
;HMINKKSLLQNLLSKCKTTFQQSFTNANITLKDEKWLKNVRTAYFVCDHDGSVELAYLPNVLPKELVEEFTEKFESIQTG
RKKDTGYSGILDNSMPFNYVTADLSQELGQYLSEIVNPQINYYISKLLTCVSSRTINYLVSLNDSYYALNNCLYPSTAFN
SLKPSNDGHRIRKPHKDNLDITPSSLFYFGNFQNTEGYLELTDKNCKVFVQPGDVLFFKGNEYKHVVANITSGWRIGLVY
FAHKGSKTKPYYEDTQKNSLKIHKETK
;
A,D
2 'polydeoxyribonucleotide' (DC)(DA)(DT)(DG)(DC)(DG)(DC)(DT)(DG)(DA)(DC) B,E
3 'polydeoxyribonucleotide' (DT)(DG)(DT)(DC)(DA)(DG)(5CM)(DG)(DC)(DA)(DT)(DG)(DG) C,F
#
# COMPACT_ATOMS: atom_id res chain seq x y z
N HIS A 1 -21.58 10.57 22.13
CA HIS A 1 -20.71 10.39 23.28
C HIS A 1 -20.43 8.92 23.53
N MET A 2 -21.27 8.05 22.96
CA MET A 2 -21.04 6.61 23.02
C MET A 2 -21.47 5.96 21.70
N ILE A 3 -20.58 5.14 21.15
CA ILE A 3 -20.86 4.43 19.91
C ILE A 3 -21.63 3.15 20.23
N ASN A 4 -22.60 2.80 19.39
CA ASN A 4 -23.34 1.56 19.58
C ASN A 4 -22.65 0.40 18.85
N LYS A 5 -22.41 -0.67 19.61
CA LYS A 5 -21.62 -1.79 19.13
C LYS A 5 -22.22 -2.44 17.90
N LYS A 6 -23.54 -2.56 17.88
CA LYS A 6 -24.24 -3.28 16.81
C LYS A 6 -23.92 -2.68 15.45
N SER A 7 -23.96 -1.34 15.36
CA SER A 7 -23.77 -0.67 14.09
C SER A 7 -22.32 -0.73 13.62
N LEU A 8 -21.40 -0.58 14.57
CA LEU A 8 -19.99 -0.54 14.23
C LEU A 8 -19.49 -1.87 13.68
N LEU A 9 -19.94 -2.97 14.30
CA LEU A 9 -19.56 -4.30 13.86
C LEU A 9 -20.13 -4.59 12.47
N GLN A 10 -21.35 -4.11 12.23
CA GLN A 10 -22.00 -4.27 10.94
C GLN A 10 -21.17 -3.62 9.84
N ASN A 11 -20.56 -2.48 10.16
CA ASN A 11 -19.75 -1.73 9.20
C ASN A 11 -18.40 -2.38 8.96
N LEU A 12 -17.74 -2.79 10.04
CA LEU A 12 -16.42 -3.41 9.92
C LEU A 12 -16.49 -4.73 9.16
N LEU A 13 -17.48 -5.56 9.46
CA LEU A 13 -17.66 -6.83 8.78
C LEU A 13 -17.98 -6.61 7.31
N SER A 14 -18.77 -5.58 7.03
CA SER A 14 -19.16 -5.27 5.67
C SER A 14 -17.94 -4.93 4.83
N LYS A 15 -17.04 -4.12 5.41
CA LYS A 15 -15.85 -3.68 4.72
C LYS A 15 -14.87 -4.85 4.57
N CYS A 16 -14.83 -5.71 5.57
CA CYS A 16 -13.93 -6.86 5.54
C CYS A 16 -14.41 -7.88 4.52
N LYS A 17 -15.72 -8.13 4.51
CA LYS A 17 -16.31 -9.11 3.62
C LYS A 17 -16.07 -8.75 2.16
N THR A 18 -16.17 -7.47 1.83
CA THR A 18 -16.01 -7.03 0.45
C THR A 18 -14.54 -7.01 0.03
N THR A 19 -13.65 -6.67 0.96
CA THR A 19 -12.24 -6.55 0.65
C THR A 19 -11.55 -7.92 0.61
N PHE A 20 -11.88 -8.78 1.58
CA PHE A 20 -11.26 -10.10 1.66
C PHE A 20 -12.04 -11.16 0.89
N GLN A 21 -13.24 -10.79 0.44
CA GLN A 21 -14.08 -11.71 -0.33
C GLN A 21 -14.31 -13.02 0.43
N GLN A 22 -14.59 -12.90 1.72
CA GLN A 22 -15.00 -14.04 2.52
C GLN A 22 -15.88 -13.55 3.67
N SER A 23 -16.84 -14.38 4.06
CA SER A 23 -17.77 -14.02 5.12
C SER A 23 -17.27 -14.50 6.46
N PHE A 24 -17.25 -13.62 7.44
CA PHE A 24 -16.81 -13.98 8.78
C PHE A 24 -18.02 -14.18 9.68
N THR A 25 -18.32 -15.45 9.95
CA THR A 25 -19.48 -15.81 10.76
C THR A 25 -19.19 -15.71 12.25
N ASN A 26 -20.24 -15.52 13.03
CA ASN A 26 -20.14 -15.49 14.49
C ASN A 26 -19.09 -14.50 14.98
N ALA A 27 -19.05 -13.33 14.35
CA ALA A 27 -18.14 -12.28 14.75
C ALA A 27 -18.65 -11.63 16.03
N ASN A 28 -17.73 -11.05 16.79
CA ASN A 28 -18.08 -10.38 18.03
C ASN A 28 -17.28 -9.10 18.21
N ILE A 29 -17.77 -8.22 19.09
CA ILE A 29 -17.09 -6.97 19.37
C ILE A 29 -17.30 -6.55 20.82
N THR A 30 -16.26 -6.00 21.43
CA THR A 30 -16.34 -5.52 22.81
C THR A 30 -15.47 -4.28 23.01
N LEU A 31 -15.96 -3.31 23.77
CA LEU A 31 -15.17 -2.12 24.08
C LEU A 31 -13.98 -2.52 24.95
N LYS A 32 -12.90 -1.76 24.87
CA LYS A 32 -11.65 -2.14 25.53
C LYS A 32 -11.78 -2.23 27.04
N ASP A 33 -12.66 -1.41 27.61
CA ASP A 33 -12.83 -1.38 29.06
C ASP A 33 -13.83 -2.42 29.54
N GLU A 34 -14.61 -2.98 28.61
CA GLU A 34 -15.61 -3.99 28.94
C GLU A 34 -14.97 -5.36 29.21
N LYS A 35 -15.81 -6.36 29.42
CA LYS A 35 -15.34 -7.73 29.61
C LYS A 35 -15.06 -8.37 28.25
N TRP A 36 -13.85 -8.88 28.10
CA TRP A 36 -13.42 -9.51 26.85
C TRP A 36 -13.78 -10.98 26.83
N LEU A 37 -14.14 -11.49 25.65
CA LEU A 37 -14.38 -12.91 25.47
C LEU A 37 -13.18 -13.72 25.93
N LYS A 38 -13.41 -14.80 26.66
CA LYS A 38 -12.32 -15.61 27.20
C LYS A 38 -11.64 -16.42 26.10
N ASN A 39 -12.41 -16.82 25.09
CA ASN A 39 -11.89 -17.64 24.00
C ASN A 39 -12.36 -17.16 22.63
N VAL A 40 -11.42 -16.80 21.76
CA VAL A 40 -11.74 -16.28 20.44
C VAL A 40 -11.30 -17.24 19.36
N ARG A 41 -12.25 -17.92 18.75
CA ARG A 41 -12.01 -18.73 17.56
C ARG A 41 -12.55 -18.12 16.26
N THR A 42 -13.22 -16.97 16.36
CA THR A 42 -13.83 -16.32 15.19
C THR A 42 -13.48 -14.84 15.11
N ALA A 43 -13.98 -14.17 14.07
CA ALA A 43 -13.67 -12.76 13.86
C ALA A 43 -13.97 -11.94 15.11
N TYR A 44 -13.03 -11.08 15.48
CA TYR A 44 -13.14 -10.33 16.73
C TYR A 44 -12.54 -8.94 16.60
N PHE A 45 -13.20 -7.98 17.24
CA PHE A 45 -12.74 -6.59 17.24
C PHE A 45 -12.88 -5.99 18.64
N VAL A 46 -11.90 -5.18 19.04
CA VAL A 46 -12.06 -4.35 20.24
C VAL A 46 -11.67 -2.92 19.90
N CYS A 47 -12.19 -1.98 20.70
CA CYS A 47 -11.96 -0.57 20.44
C CYS A 47 -12.17 0.28 21.69
N ASP A 48 -11.95 1.57 21.54
CA ASP A 48 -12.24 2.55 22.60
C ASP A 48 -13.60 3.18 22.34
N HIS A 49 -14.02 4.09 23.22
CA HIS A 49 -15.36 4.68 23.14
C HIS A 49 -15.57 5.43 21.82
N ASP A 50 -14.48 5.90 21.23
CA ASP A 50 -14.54 6.64 19.98
C ASP A 50 -14.76 5.72 18.79
N GLY A 51 -14.38 4.45 18.95
CA GLY A 51 -14.63 3.45 17.92
C GLY A 51 -13.44 3.12 17.04
N SER A 52 -12.25 3.57 17.43
CA SER A 52 -11.04 3.20 16.70
C SER A 52 -10.63 1.79 17.12
N VAL A 53 -10.29 0.96 16.14
CA VAL A 53 -9.98 -0.44 16.43
C VAL A 53 -8.59 -0.57 17.01
N GLU A 54 -8.51 -1.05 18.26
CA GLU A 54 -7.22 -1.37 18.85
C GLU A 54 -6.91 -2.88 18.81
N LEU A 55 -7.87 -3.69 18.38
CA LEU A 55 -7.60 -5.09 18.08
C LEU A 55 -8.53 -5.62 17.00
N ALA A 56 -7.98 -6.37 16.05
CA ALA A 56 -8.79 -7.04 15.04
C ALA A 56 -8.21 -8.42 14.74
N TYR A 57 -9.07 -9.43 14.85
CA TYR A 57 -8.68 -10.79 14.53
C TYR A 57 -9.54 -11.30 13.37
N LEU A 58 -8.88 -11.61 12.26
CA LEU A 58 -9.55 -12.16 11.09
C LEU A 58 -9.01 -13.55 10.79
N PRO A 59 -9.84 -14.60 10.97
CA PRO A 59 -9.35 -15.96 10.72
C PRO A 59 -9.20 -16.30 9.24
N ASN A 60 -8.13 -17.01 8.92
CA ASN A 60 -7.96 -17.65 7.62
C ASN A 60 -8.12 -16.69 6.44
N VAL A 61 -7.41 -15.58 6.47
CA VAL A 61 -7.42 -14.63 5.36
C VAL A 61 -6.45 -15.01 4.25
N LEU A 62 -5.34 -15.66 4.62
CA LEU A 62 -4.32 -16.03 3.64
C LEU A 62 -4.69 -17.32 2.90
N PRO A 63 -4.45 -17.36 1.57
CA PRO A 63 -4.74 -18.57 0.81
C PRO A 63 -3.87 -19.77 1.19
N LYS A 64 -4.47 -20.95 1.24
CA LYS A 64 -3.80 -22.17 1.69
C LYS A 64 -2.45 -22.42 1.00
N GLU A 65 -2.42 -22.24 -0.32
CA GLU A 65 -1.20 -22.45 -1.08
C GLU A 65 -0.08 -21.54 -0.59
N LEU A 66 -0.44 -20.30 -0.30
CA LEU A 66 0.52 -19.30 0.13
C LEU A 66 1.10 -19.65 1.51
N VAL A 67 0.23 -20.02 2.44
CA VAL A 67 0.66 -20.40 3.78
C VAL A 67 1.58 -21.62 3.73
N GLU A 68 1.19 -22.62 2.96
CA GLU A 68 1.96 -23.86 2.87
C GLU A 68 3.34 -23.61 2.27
N GLU A 69 3.39 -22.77 1.23
CA GLU A 69 4.65 -22.49 0.55
C GLU A 69 5.63 -21.77 1.47
N PHE A 70 5.17 -20.71 2.14
CA PHE A 70 6.04 -19.94 3.03
C PHE A 70 6.51 -20.77 4.21
N THR A 71 5.65 -21.66 4.69
CA THR A 71 6.00 -22.51 5.81
C THR A 71 7.20 -23.41 5.50
N GLU A 72 7.19 -24.06 4.34
CA GLU A 72 8.25 -25.00 3.99
C GLU A 72 9.57 -24.29 3.86
N LYS A 73 9.54 -23.08 3.30
CA LYS A 73 10.75 -22.31 3.09
C LYS A 73 11.28 -21.78 4.44
N PHE A 74 10.38 -21.25 5.26
CA PHE A 74 10.76 -20.72 6.57
C PHE A 74 11.47 -21.80 7.40
N GLU A 75 10.88 -22.98 7.44
CA GLU A 75 11.42 -24.08 8.23
C GLU A 75 12.78 -24.52 7.67
N SER A 76 12.90 -24.46 6.34
CA SER A 76 14.14 -24.81 5.67
C SER A 76 15.25 -23.84 6.08
N ILE A 77 14.98 -22.54 5.98
CA ILE A 77 15.95 -21.51 6.32
C ILE A 77 16.29 -21.53 7.81
N GLN A 78 15.26 -21.72 8.64
CA GLN A 78 15.43 -21.65 10.08
C GLN A 78 16.28 -22.79 10.61
N THR A 79 16.27 -23.92 9.90
CA THR A 79 17.06 -25.06 10.30
C THR A 79 18.54 -24.71 10.28
N GLY A 80 18.91 -23.86 9.32
CA GLY A 80 20.28 -23.42 9.17
C GLY A 80 20.59 -22.18 9.98
N ARG A 81 19.77 -21.92 11.00
CA ARG A 81 19.96 -20.76 11.87
C ARG A 81 20.05 -21.19 13.33
N LYS A 82 20.75 -20.39 14.13
CA LYS A 82 20.95 -20.67 15.54
C LYS A 82 19.86 -20.04 16.39
N LYS A 83 19.76 -18.71 16.33
CA LYS A 83 18.74 -17.98 17.07
C LYS A 83 17.33 -18.31 16.59
N ASP A 84 16.37 -18.23 17.51
CA ASP A 84 14.98 -18.54 17.23
C ASP A 84 14.17 -17.30 16.83
N THR A 85 14.85 -16.17 16.66
CA THR A 85 14.22 -14.96 16.12
C THR A 85 15.06 -14.36 15.00
N GLY A 86 14.44 -13.49 14.21
CA GLY A 86 15.14 -12.78 13.15
C GLY A 86 14.40 -11.50 12.80
N TYR A 87 15.08 -10.55 12.17
CA TYR A 87 14.47 -9.27 11.86
C TYR A 87 14.90 -8.72 10.50
N SER A 88 13.92 -8.27 9.71
CA SER A 88 14.20 -7.63 8.42
C SER A 88 13.69 -6.19 8.48
N GLY A 89 14.19 -5.34 7.60
CA GLY A 89 13.91 -3.93 7.68
C GLY A 89 14.89 -3.24 8.62
N ILE A 90 14.38 -2.31 9.42
CA ILE A 90 15.22 -1.52 10.33
C ILE A 90 14.94 -1.84 11.79
N LEU A 91 15.91 -1.51 12.64
CA LEU A 91 15.72 -1.52 14.09
C LEU A 91 16.43 -0.33 14.72
N ASP A 92 15.79 0.31 15.71
CA ASP A 92 16.43 1.39 16.47
C ASP A 92 16.96 0.95 17.83
N ASN A 93 16.78 -0.32 18.18
CA ASN A 93 17.04 -0.79 19.54
C ASN A 93 18.45 -0.52 20.05
N SER A 94 18.52 0.06 21.25
CA SER A 94 19.79 0.34 21.94
C SER A 94 20.69 1.34 21.20
N MET A 95 20.11 2.16 20.32
CA MET A 95 20.89 3.12 19.56
C MET A 95 20.07 4.38 19.33
N PRO A 96 20.74 5.54 19.24
CA PRO A 96 19.97 6.72 18.86
C PRO A 96 19.91 6.90 17.35
N PHE A 97 19.66 5.82 16.63
CA PHE A 97 19.46 5.87 15.18
C PHE A 97 18.80 4.59 14.69
N ASN A 98 18.18 4.66 13.52
CA ASN A 98 17.67 3.47 12.86
C ASN A 98 18.77 2.83 12.03
N TYR A 99 18.93 1.53 12.17
CA TYR A 99 19.93 0.79 11.42
C TYR A 99 19.31 -0.38 10.67
N VAL A 100 19.96 -0.79 9.59
CA VAL A 100 19.56 -1.96 8.84
C VAL A 100 19.87 -3.21 9.65
N THR A 101 18.93 -4.13 9.72
CA THR A 101 19.10 -5.35 10.51
C THR A 101 20.14 -6.29 9.92
N ALA A 102 20.76 -7.10 10.78
CA ALA A 102 21.83 -8.01 10.35
C ALA A 102 21.30 -9.15 9.48
N ASP A 103 20.05 -9.55 9.72
CA ASP A 103 19.50 -10.67 9.00
C ASP A 103 19.15 -10.33 7.56
N LEU A 104 19.02 -9.04 7.28
CA LEU A 104 18.54 -8.60 5.96
C LEU A 104 19.41 -9.16 4.83
N SER A 105 20.73 -9.16 5.05
CA SER A 105 21.66 -9.66 4.05
C SER A 105 21.69 -11.18 4.03
N GLN A 106 21.33 -11.79 5.16
CA GLN A 106 21.32 -13.24 5.29
C GLN A 106 20.16 -13.86 4.52
N GLU A 107 20.08 -15.18 4.54
CA GLU A 107 19.11 -15.91 3.73
C GLU A 107 17.69 -15.59 4.17
N LEU A 108 17.49 -15.44 5.48
CA LEU A 108 16.17 -15.18 6.03
C LEU A 108 15.66 -13.81 5.59
N GLY A 109 16.48 -12.78 5.80
CA GLY A 109 16.09 -11.42 5.48
C GLY A 109 15.84 -11.24 4.00
N GLN A 110 16.68 -11.85 3.20
CA GLN A 110 16.53 -11.79 1.76
C GLN A 110 15.20 -12.41 1.35
N TYR A 111 14.84 -13.50 2.00
CA TYR A 111 13.58 -14.17 1.69
C TYR A 111 12.39 -13.30 2.08
N LEU A 112 12.44 -12.72 3.28
CA LEU A 112 11.35 -11.88 3.77
C LEU A 112 11.17 -10.63 2.94
N SER A 113 12.26 -9.91 2.69
CA SER A 113 12.17 -8.63 2.02
C SER A 113 11.80 -8.78 0.55
N GLU A 114 12.45 -9.70 -0.15
CA GLU A 114 12.27 -9.82 -1.60
C GLU A 114 11.04 -10.63 -2.03
N ILE A 115 10.77 -11.73 -1.33
CA ILE A 115 9.68 -12.63 -1.73
C ILE A 115 8.42 -12.43 -0.88
N VAL A 116 8.55 -12.64 0.43
CA VAL A 116 7.38 -12.67 1.32
C VAL A 116 6.69 -11.33 1.51
N ASN A 117 7.46 -10.30 1.87
CA ASN A 117 6.89 -9.00 2.24
C ASN A 117 6.07 -8.34 1.15
N PRO A 118 6.52 -8.43 -0.12
CA PRO A 118 5.72 -7.83 -1.20
C PRO A 118 4.34 -8.44 -1.29
N GLN A 119 4.23 -9.74 -1.02
CA GLN A 119 2.94 -10.42 -1.12
C GLN A 119 2.10 -10.19 0.13
N ILE A 120 2.73 -10.21 1.30
CA ILE A 120 2.02 -9.97 2.56
C ILE A 120 1.55 -8.53 2.65
N ASN A 121 2.32 -7.60 2.10
CA ASN A 121 1.99 -6.19 2.18
C ASN A 121 0.63 -5.88 1.56
N TYR A 122 0.23 -6.69 0.58
CA TYR A 122 -1.07 -6.49 -0.03
C TYR A 122 -2.15 -6.83 0.98
N TYR A 123 -1.92 -7.87 1.77
CA TYR A 123 -2.89 -8.29 2.78
C TYR A 123 -2.86 -7.35 3.98
N ILE A 124 -1.69 -6.77 4.26
CA ILE A 124 -1.60 -5.72 5.26
C ILE A 124 -2.41 -4.51 4.78
N SER A 125 -2.35 -4.23 3.49
CA SER A 125 -3.12 -3.13 2.91
C SER A 125 -4.61 -3.42 3.02
N LYS A 126 -5.02 -4.64 2.65
CA LYS A 126 -6.41 -5.04 2.79
C LYS A 126 -6.88 -4.78 4.22
N LEU A 127 -6.06 -5.22 5.17
CA LEU A 127 -6.38 -5.18 6.58
C LEU A 127 -6.60 -3.77 7.10
N LEU A 128 -5.60 -2.90 6.91
CA LEU A 128 -5.63 -1.56 7.49
C LEU A 128 -6.70 -0.69 6.87
N THR A 129 -6.95 -0.84 5.57
CA THR A 129 -8.00 -0.07 4.91
C THR A 129 -9.39 -0.45 5.44
N CYS A 130 -9.46 -1.58 6.14
CA CYS A 130 -10.71 -1.99 6.79
C CYS A 130 -10.80 -1.55 8.24
N VAL A 131 -9.92 -2.07 9.10
CA VAL A 131 -10.01 -1.81 10.53
C VAL A 131 -9.42 -0.47 11.01
N SER A 132 -8.23 -0.11 10.55
CA SER A 132 -7.61 1.15 11.00
C SER A 132 -6.99 2.00 9.90
N SER A 133 -7.63 3.12 9.59
CA SER A 133 -7.14 4.00 8.53
C SER A 133 -5.99 4.87 9.03
N ARG A 134 -6.03 5.19 10.33
CA ARG A 134 -5.02 6.07 10.88
C ARG A 134 -3.65 5.41 10.87
N THR A 135 -3.64 4.08 11.00
CA THR A 135 -2.39 3.34 11.01
C THR A 135 -1.70 3.41 9.66
N ILE A 136 -2.44 3.12 8.59
CA ILE A 136 -1.85 3.13 7.27
C ILE A 136 -1.50 4.57 6.84
N ASN A 137 -2.35 5.53 7.22
CA ASN A 137 -2.06 6.94 6.93
C ASN A 137 -0.76 7.36 7.59
N TYR A 138 -0.48 6.77 8.74
CA TYR A 138 0.72 7.09 9.50
C TYR A 138 1.94 6.40 8.90
N LEU A 139 1.77 5.15 8.51
CA LEU A 139 2.88 4.36 8.00
C LEU A 139 3.46 4.95 6.71
N VAL A 140 2.61 5.57 5.89
CA VAL A 140 3.05 6.12 4.61
C VAL A 140 3.72 7.48 4.76
N SER A 141 3.70 8.03 5.97
CA SER A 141 4.39 9.28 6.26
C SER A 141 5.86 9.04 6.62
N LEU A 142 6.26 7.77 6.68
CA LEU A 142 7.64 7.42 7.03
C LEU A 142 8.59 7.59 5.84
N ASN A 143 9.86 7.36 6.09
CA ASN A 143 10.91 7.48 5.09
C ASN A 143 10.66 6.55 3.90
N ASP A 144 10.91 7.05 2.69
CA ASP A 144 10.80 6.25 1.48
C ASP A 144 11.70 5.03 1.54
N SER A 145 12.82 5.16 2.25
CA SER A 145 13.84 4.12 2.27
C SER A 145 13.36 2.87 3.00
N TYR A 146 12.57 3.07 4.05
CA TYR A 146 12.07 1.97 4.85
C TYR A 146 11.14 1.09 4.01
N TYR A 147 10.27 1.74 3.25
CA TYR A 147 9.32 1.03 2.39
C TYR A 147 10.04 0.27 1.31
N ALA A 148 11.14 0.84 0.82
CA ALA A 148 11.94 0.21 -0.21
C ALA A 148 12.76 -0.94 0.37
N LEU A 149 13.30 -0.74 1.57
CA LEU A 149 14.19 -1.71 2.18
C LEU A 149 13.44 -2.96 2.59
N ASN A 150 12.27 -2.77 3.19
CA ASN A 150 11.47 -3.88 3.70
C ASN A 150 10.35 -4.29 2.76
N ASN A 151 10.19 -3.57 1.65
CA ASN A 151 9.10 -3.82 0.70
C ASN A 151 7.76 -3.97 1.39
N CYS A 152 7.51 -3.09 2.37
CA CYS A 152 6.32 -3.16 3.18
C CYS A 152 5.99 -1.78 3.75
N LEU A 153 4.74 -1.61 4.17
CA LEU A 153 4.32 -0.38 4.84
C LEU A 153 4.97 -0.28 6.22
N TYR A 154 5.21 -1.42 6.85
CA TYR A 154 5.89 -1.46 8.14
C TYR A 154 7.40 -1.48 7.93
N PRO A 155 8.13 -0.64 8.70
CA PRO A 155 9.58 -0.58 8.50
C PRO A 155 10.30 -1.83 8.95
N SER A 156 9.64 -2.63 9.77
CA SER A 156 10.29 -3.73 10.45
C SER A 156 9.41 -4.98 10.49
N THR A 157 10.05 -6.13 10.29
CA THR A 157 9.38 -7.41 10.41
C THR A 157 10.13 -8.28 11.40
N ALA A 158 9.39 -8.87 12.34
CA ALA A 158 9.97 -9.83 13.28
C ALA A 158 9.58 -11.23 12.86
N PHE A 159 10.55 -12.13 12.92
CA PHE A 159 10.36 -13.53 12.60
C PHE A 159 10.52 -14.33 13.89
N ASN A 160 9.47 -15.06 14.28
CA ASN A 160 9.48 -15.84 15.51
C ASN A 160 9.31 -17.34 15.25
N SER A 161 10.37 -18.12 15.55
CA SER A 161 10.31 -19.57 15.41
C SER A 161 10.14 -20.22 16.78
N LEU A 162 8.94 -20.75 17.02
CA LEU A 162 8.63 -21.37 18.30
C LEU A 162 8.43 -22.86 18.13
N LYS A 163 9.41 -23.63 18.59
CA LYS A 163 9.29 -25.08 18.63
C LYS A 163 8.71 -25.49 19.98
N PRO A 164 8.15 -26.70 20.07
CA PRO A 164 7.57 -27.17 21.34
C PRO A 164 8.55 -27.18 22.51
N SER A 165 8.03 -26.98 23.71
CA SER A 165 8.80 -27.05 24.94
C SER A 165 9.91 -26.01 24.98
N ASN A 166 9.73 -24.90 24.26
CA ASN A 166 10.64 -23.78 24.38
C ASN A 166 9.98 -22.71 25.24
N ASP A 167 10.43 -22.60 26.48
CA ASP A 167 9.86 -21.62 27.41
C ASP A 167 10.70 -20.37 27.47
N GLY A 168 11.86 -20.40 26.80
CA GLY A 168 12.82 -19.32 26.85
C GLY A 168 12.56 -18.25 25.82
N HIS A 169 11.77 -18.58 24.80
CA HIS A 169 11.46 -17.64 23.74
C HIS A 169 10.76 -16.41 24.30
N ARG A 170 11.11 -15.24 23.78
CA ARG A 170 10.62 -13.99 24.32
C ARG A 170 9.10 -13.84 24.23
N ILE A 171 8.45 -14.63 23.37
CA ILE A 171 7.01 -14.53 23.22
C ILE A 171 6.28 -15.40 24.25
N ARG A 172 7.06 -16.23 24.95
CA ARG A 172 6.52 -17.09 26.00
C ARG A 172 6.49 -16.38 27.36
N LYS A 173 7.05 -15.18 27.39
CA LYS A 173 7.10 -14.37 28.60
C LYS A 173 6.16 -13.18 28.45
N PRO A 174 5.19 -13.03 29.38
CA PRO A 174 4.24 -11.92 29.24
C PRO A 174 4.94 -10.56 29.17
N HIS A 175 4.57 -9.76 28.18
CA HIS A 175 5.27 -8.51 27.90
C HIS A 175 4.39 -7.55 27.14
N LYS A 176 4.81 -6.29 27.11
CA LYS A 176 4.30 -5.32 26.15
C LYS A 176 5.45 -4.96 25.22
N ASP A 177 5.15 -4.61 23.98
CA ASP A 177 6.18 -4.06 23.10
C ASP A 177 6.10 -2.56 23.19
N ASN A 178 7.07 -1.98 23.89
CA ASN A 178 6.93 -0.62 24.39
C ASN A 178 7.49 0.45 23.47
N LEU A 179 8.21 0.02 22.43
CA LEU A 179 8.74 0.95 21.46
C LEU A 179 7.78 1.17 20.30
N ASP A 180 6.68 0.42 20.29
CA ASP A 180 5.71 0.52 19.20
C ASP A 180 4.93 1.83 19.22
N ILE A 181 4.99 2.55 18.09
CA ILE A 181 4.20 3.76 17.92
C ILE A 181 2.88 3.47 17.21
N THR A 182 2.73 2.25 16.69
CA THR A 182 1.48 1.85 16.05
C THR A 182 1.17 0.40 16.38
N PRO A 183 -0.10 0.01 16.18
CA PRO A 183 -0.44 -1.41 16.33
C PRO A 183 0.26 -2.25 15.28
N SER A 184 0.76 -3.42 15.69
CA SER A 184 1.42 -4.35 14.78
C SER A 184 0.41 -5.20 14.01
N SER A 185 0.85 -5.72 12.86
CA SER A 185 0.09 -6.71 12.10
C SER A 185 0.81 -8.06 12.15
N LEU A 186 0.12 -9.08 12.63
CA LEU A 186 0.71 -10.40 12.84
C LEU A 186 0.12 -11.44 11.88
N PHE A 187 0.99 -12.26 11.30
CA PHE A 187 0.58 -13.35 10.41
C PHE A 187 1.22 -14.66 10.89
N TYR A 188 0.47 -15.75 10.80
CA TYR A 188 0.92 -17.02 11.36
C TYR A 188 1.13 -18.10 10.30
N PHE A 189 2.13 -18.95 10.57
CA PHE A 189 2.50 -20.01 9.66
C PHE A 189 2.89 -21.25 10.46
N GLY A 190 3.35 -22.28 9.78
CA GLY A 190 3.72 -23.53 10.43
C GLY A 190 2.51 -24.42 10.65
N ASN A 191 2.64 -25.36 11.58
CA ASN A 191 1.55 -26.26 11.91
C ASN A 191 1.49 -26.46 13.42
N PHE A 192 0.35 -26.15 14.01
CA PHE A 192 0.14 -26.41 15.44
C PHE A 192 -1.34 -26.48 15.75
N GLN A 193 -1.69 -27.13 16.87
CA GLN A 193 -3.09 -27.37 17.20
C GLN A 193 -3.78 -26.11 17.70
N ASN A 194 -5.11 -26.08 17.53
CA ASN A 194 -5.88 -24.87 17.79
C ASN A 194 -6.25 -24.70 19.25
N THR A 195 -5.77 -25.61 20.09
CA THR A 195 -5.81 -25.44 21.54
C THR A 195 -4.49 -24.94 22.12
N GLU A 196 -3.48 -24.81 21.24
CA GLU A 196 -2.13 -24.44 21.65
C GLU A 196 -1.62 -23.23 20.88
N GLY A 197 -0.51 -22.67 21.36
CA GLY A 197 0.14 -21.57 20.66
C GLY A 197 -0.76 -20.37 20.50
N TYR A 198 -1.76 -20.26 21.38
CA TYR A 198 -2.68 -19.13 21.33
C TYR A 198 -2.05 -17.91 21.96
N LEU A 199 -2.50 -16.74 21.53
CA LEU A 199 -2.06 -15.48 22.11
C LEU A 199 -2.99 -15.09 23.24
N GLU A 200 -2.44 -15.04 24.45
CA GLU A 200 -3.22 -14.67 25.61
C GLU A 200 -2.95 -13.22 25.97
N LEU A 201 -4.01 -12.46 26.14
CA LEU A 201 -3.90 -11.13 26.68
C LEU A 201 -4.12 -11.27 28.18
N THR A 202 -3.03 -11.13 28.94
CA THR A 202 -3.00 -11.56 30.33
C THR A 202 -3.92 -10.74 31.23
N ASP A 203 -3.91 -9.43 31.04
CA ASP A 203 -4.71 -8.55 31.89
C ASP A 203 -6.18 -8.53 31.48
N LYS A 204 -6.48 -8.93 30.25
CA LYS A 204 -7.88 -8.98 29.79
C LYS A 204 -8.48 -10.37 29.89
N ASN A 205 -7.67 -11.34 30.30
CA ASN A 205 -8.11 -12.73 30.40
C ASN A 205 -8.79 -13.20 29.12
N CYS A 206 -8.11 -12.98 28.00
CA CYS A 206 -8.65 -13.34 26.68
C CYS A 206 -7.65 -14.17 25.90
N LYS A 207 -8.13 -15.30 25.38
CA LYS A 207 -7.31 -16.19 24.58
C LYS A 207 -7.75 -16.17 23.13
N VAL A 208 -6.88 -15.70 22.25
CA VAL A 208 -7.11 -15.74 20.82
C VAL A 208 -6.41 -16.97 20.25
N PHE A 209 -7.18 -17.91 19.72
CA PHE A 209 -6.58 -19.13 19.21
C PHE A 209 -6.25 -18.90 17.75
N VAL A 210 -4.95 -18.75 17.49
CA VAL A 210 -4.49 -18.31 16.18
C VAL A 210 -3.99 -19.52 15.43
N GLN A 211 -4.19 -19.50 14.12
CA GLN A 211 -3.80 -20.60 13.26
C GLN A 211 -3.11 -20.08 12.01
N PRO A 212 -2.34 -20.95 11.35
CA PRO A 212 -1.70 -20.53 10.09
C PRO A 212 -2.71 -19.96 9.11
N GLY A 213 -2.41 -18.79 8.55
CA GLY A 213 -3.30 -18.12 7.63
C GLY A 213 -4.13 -17.05 8.31
N ASP A 214 -4.15 -17.04 9.64
CA ASP A 214 -4.86 -16.02 10.40
C ASP A 214 -4.08 -14.71 10.44
N VAL A 215 -4.79 -13.60 10.63
CA VAL A 215 -4.17 -12.31 10.87
C VAL A 215 -4.65 -11.70 12.17
N LEU A 216 -3.72 -11.07 12.88
CA LEU A 216 -4.02 -10.39 14.11
C LEU A 216 -3.43 -8.98 14.09
N PHE A 217 -4.31 -8.01 14.25
CA PHE A 217 -3.94 -6.60 14.34
C PHE A 217 -4.24 -6.14 15.76
N PHE A 218 -3.21 -5.76 16.52
CA PHE A 218 -3.44 -5.23 17.87
C PHE A 218 -2.27 -4.39 18.41
N LYS A 219 -2.56 -3.58 19.42
CA LYS A 219 -1.52 -2.77 20.06
C LYS A 219 -0.70 -3.60 21.06
N GLY A 220 0.59 -3.74 20.78
CA GLY A 220 1.45 -4.51 21.66
C GLY A 220 1.99 -3.63 22.76
N ASN A 221 1.92 -2.31 22.56
CA ASN A 221 2.44 -1.35 23.53
C ASN A 221 1.47 -1.09 24.69
N GLU A 222 0.19 -1.39 24.47
CA GLU A 222 -0.83 -1.17 25.49
C GLU A 222 -1.19 -2.48 26.18
N TYR A 223 -1.69 -3.44 25.41
CA TYR A 223 -2.18 -4.70 25.98
C TYR A 223 -1.08 -5.72 26.19
N LYS A 224 -0.85 -6.06 27.46
CA LYS A 224 0.12 -7.08 27.84
C LYS A 224 -0.32 -8.42 27.29
N HIS A 225 0.62 -9.17 26.72
CA HIS A 225 0.30 -10.40 26.00
C HIS A 225 1.39 -11.45 26.13
N VAL A 226 0.99 -12.70 25.89
CA VAL A 226 1.90 -13.84 25.93
C VAL A 226 1.41 -14.94 24.99
N VAL A 227 2.33 -15.78 24.53
CA VAL A 227 1.98 -16.89 23.64
C VAL A 227 2.16 -18.21 24.38
N ALA A 228 1.14 -19.06 24.28
CA ALA A 228 1.15 -20.35 24.99
C ALA A 228 2.10 -21.34 24.34
N ASN A 229 2.56 -22.32 25.11
CA ASN A 229 3.42 -23.36 24.59
C ASN A 229 2.66 -24.28 23.64
N ILE A 230 3.39 -24.90 22.72
CA ILE A 230 2.83 -25.97 21.89
C ILE A 230 3.52 -27.27 22.27
N THR A 231 2.75 -28.36 22.34
CA THR A 231 3.32 -29.67 22.65
C THR A 231 3.72 -30.44 21.39
N SER A 232 3.32 -29.93 20.24
CA SER A 232 3.62 -30.59 18.97
C SER A 232 3.57 -29.59 17.85
N GLY A 233 4.16 -29.94 16.72
CA GLY A 233 4.16 -29.08 15.56
C GLY A 233 5.26 -28.05 15.60
N TRP A 234 5.10 -26.99 14.80
CA TRP A 234 6.03 -25.88 14.74
C TRP A 234 5.26 -24.58 14.56
N ARG A 235 5.43 -23.63 15.47
CA ARG A 235 4.71 -22.37 15.40
C ARG A 235 5.63 -21.27 14.87
N ILE A 236 5.32 -20.79 13.67
CA ILE A 236 6.08 -19.73 13.03
C ILE A 236 5.18 -18.54 12.82
N GLY A 237 5.69 -17.35 13.10
CA GLY A 237 4.89 -16.15 12.93
C GLY A 237 5.72 -14.96 12.53
N LEU A 238 5.03 -14.01 11.89
CA LEU A 238 5.64 -12.77 11.41
C LEU A 238 4.94 -11.61 12.07
N VAL A 239 5.72 -10.69 12.62
CA VAL A 239 5.17 -9.48 13.23
C VAL A 239 5.66 -8.26 12.47
N TYR A 240 4.72 -7.52 11.89
CA TYR A 240 5.03 -6.28 11.20
C TYR A 240 4.75 -5.13 12.16
N PHE A 241 5.78 -4.36 12.46
CA PHE A 241 5.68 -3.32 13.47
C PHE A 241 6.47 -2.07 13.11
N ALA A 242 6.17 -0.99 13.81
CA ALA A 242 6.90 0.26 13.64
C ALA A 242 7.28 0.84 15.00
N HIS A 243 8.58 0.96 15.25
CA HIS A 243 9.03 1.61 16.48
C HIS A 243 8.93 3.12 16.35
N LYS A 244 8.77 3.79 17.48
CA LYS A 244 8.78 5.24 17.54
C LYS A 244 10.02 5.81 16.84
N GLY A 245 11.16 5.17 17.06
CA GLY A 245 12.43 5.60 16.47
C GLY A 245 12.35 5.84 14.98
N SER A 246 11.54 5.06 14.28
CA SER A 246 11.49 5.13 12.83
C SER A 246 11.07 6.54 12.41
N LYS A 247 10.17 7.13 13.17
CA LYS A 247 9.73 8.50 12.91
C LYS A 247 10.70 9.55 13.45
N THR A 248 11.27 9.28 14.62
CA THR A 248 12.08 10.28 15.32
C THR A 248 13.58 10.20 15.01
N LYS A 249 14.20 9.09 15.39
CA LYS A 249 15.65 8.91 15.21
C LYS A 249 16.08 8.97 13.74
N PRO A 250 17.35 9.34 13.50
CA PRO A 250 17.86 9.44 12.13
C PRO A 250 18.16 8.09 11.49
N TYR A 251 18.54 8.10 10.21
CA TYR A 251 18.83 6.89 9.45
C TYR A 251 20.07 7.04 8.58
N TYR A 252 21.08 6.22 8.84
CA TYR A 252 22.35 6.31 8.13
C TYR A 252 22.51 5.29 6.98
N GLU A 253 21.46 4.49 6.73
CA GLU A 253 21.48 3.51 5.65
C GLU A 253 22.60 2.48 5.79
N ASP A 254 22.76 1.91 6.98
CA ASP A 254 23.81 0.91 7.20
C ASP A 254 23.49 0.08 8.44
N THR A 255 24.36 -0.88 8.75
CA THR A 255 24.16 -1.78 9.88
C THR A 255 24.45 -1.06 11.19
N GLN A 256 24.26 -1.74 12.30
CA GLN A 256 24.31 -1.10 13.62
C GLN A 256 25.69 -0.50 13.89
N LYS A 257 26.73 -1.32 13.85
CA LYS A 257 28.07 -0.88 14.22
C LYS A 257 28.55 0.22 13.28
N ASN A 258 28.29 0.06 11.99
CA ASN A 258 28.70 1.06 11.02
C ASN A 258 27.91 2.36 11.19
N SER A 259 26.61 2.23 11.42
CA SER A 259 25.75 3.40 11.62
C SER A 259 26.16 4.14 12.89
N LEU A 260 26.80 3.45 13.82
CA LEU A 260 27.22 4.08 15.06
C LEU A 260 28.46 4.94 14.84
N LYS A 261 29.44 4.40 14.12
CA LYS A 261 30.65 5.16 13.81
C LYS A 261 30.28 6.42 13.05
N ILE A 262 29.37 6.28 12.09
CA ILE A 262 28.89 7.40 11.30
C ILE A 262 28.19 8.42 12.18
N HIS A 263 27.51 7.93 13.21
CA HIS A 263 26.77 8.79 14.12
C HIS A 263 27.73 9.69 14.90
N LYS A 264 28.82 9.09 15.39
CA LYS A 264 29.82 9.83 16.15
C LYS A 264 30.44 10.95 15.33
N GLU A 265 31.00 10.60 14.17
CA GLU A 265 31.70 11.56 13.33
C GLU A 265 30.75 12.59 12.76
N THR A 266 29.46 12.24 12.68
CA THR A 266 28.44 13.19 12.26
C THR A 266 28.32 14.29 13.30
N LYS A 267 28.66 13.96 14.54
CA LYS A 267 28.64 14.92 15.63
C LYS A 267 27.24 15.49 15.85
N ILE D 3 -22.40 21.17 3.24
CA ILE D 3 -21.00 20.99 3.62
C ILE D 3 -20.19 22.27 3.38
N ASN D 4 -19.17 22.47 4.20
CA ASN D 4 -18.34 23.69 4.10
C ASN D 4 -17.02 23.47 3.39
N LYS D 5 -16.68 24.39 2.49
CA LYS D 5 -15.48 24.28 1.67
C LYS D 5 -14.21 24.64 2.44
N LYS D 6 -14.31 25.64 3.31
CA LYS D 6 -13.16 26.14 4.05
C LYS D 6 -12.56 25.05 4.94
N SER D 7 -13.40 24.43 5.75
CA SER D 7 -12.95 23.42 6.69
C SER D 7 -12.53 22.15 5.97
N LEU D 8 -13.23 21.83 4.88
CA LEU D 8 -12.94 20.62 4.12
C LEU D 8 -11.53 20.67 3.54
N LEU D 9 -11.13 21.84 3.07
CA LEU D 9 -9.79 22.03 2.52
C LEU D 9 -8.75 22.02 3.64
N GLN D 10 -9.16 22.42 4.83
CA GLN D 10 -8.26 22.47 5.98
C GLN D 10 -7.80 21.06 6.33
N ASN D 11 -8.72 20.11 6.23
CA ASN D 11 -8.43 18.72 6.56
C ASN D 11 -7.58 18.05 5.48
N LEU D 12 -7.89 18.36 4.23
CA LEU D 12 -7.13 17.81 3.12
C LEU D 12 -5.68 18.29 3.19
N LEU D 13 -5.50 19.60 3.34
CA LEU D 13 -4.17 20.18 3.44
C LEU D 13 -3.43 19.63 4.64
N SER D 14 -4.17 19.42 5.72
CA SER D 14 -3.58 18.92 6.96
C SER D 14 -2.96 17.53 6.74
N LYS D 15 -3.72 16.65 6.10
CA LYS D 15 -3.25 15.30 5.81
C LYS D 15 -2.11 15.34 4.81
N CYS D 16 -2.31 16.06 3.71
CA CYS D 16 -1.30 16.14 2.65
C CYS D 16 0.01 16.70 3.18
N LYS D 17 -0.09 17.76 3.98
CA LYS D 17 1.09 18.42 4.51
C LYS D 17 1.95 17.44 5.30
N THR D 18 1.33 16.71 6.23
CA THR D 18 2.08 15.80 7.09
C THR D 18 2.57 14.55 6.36
N THR D 19 1.78 14.04 5.42
CA THR D 19 2.11 12.79 4.73
C THR D 19 3.25 13.01 3.74
N PHE D 20 3.13 14.05 2.92
CA PHE D 20 4.16 14.39 1.95
C PHE D 20 5.25 15.26 2.56
N GLN D 21 5.03 15.69 3.80
CA GLN D 21 6.02 16.48 4.53
C GLN D 21 6.47 17.68 3.72
N GLN D 22 5.52 18.36 3.11
CA GLN D 22 5.79 19.60 2.39
C GLN D 22 4.56 20.49 2.46
N SER D 23 4.78 21.79 2.47
CA SER D 23 3.69 22.76 2.55
C SER D 23 3.23 23.15 1.16
N PHE D 24 1.92 23.07 0.93
CA PHE D 24 1.37 23.48 -0.35
C PHE D 24 0.75 24.85 -0.17
N THR D 25 1.42 25.86 -0.71
CA THR D 25 0.96 27.24 -0.63
C THR D 25 -0.11 27.53 -1.69
N ASN D 26 -0.98 28.49 -1.39
CA ASN D 26 -2.02 28.91 -2.32
C ASN D 26 -2.87 27.73 -2.79
N ALA D 27 -3.24 26.90 -1.83
CA ALA D 27 -4.12 25.78 -2.10
C ALA D 27 -5.55 26.26 -2.18
N ASN D 28 -6.31 25.72 -3.14
CA ASN D 28 -7.68 26.15 -3.37
C ASN D 28 -8.63 24.97 -3.50
N ILE D 29 -9.92 25.25 -3.35
CA ILE D 29 -10.93 24.22 -3.46
C ILE D 29 -12.21 24.78 -4.08
N THR D 30 -12.86 23.96 -4.91
CA THR D 30 -14.14 24.33 -5.50
C THR D 30 -15.01 23.09 -5.64
N LEU D 31 -16.31 23.25 -5.39
CA LEU D 31 -17.24 22.15 -5.61
C LEU D 31 -17.30 21.83 -7.11
N LYS D 32 -17.65 20.60 -7.44
CA LYS D 32 -17.53 20.12 -8.81
C LYS D 32 -18.39 20.92 -9.80
N ASP D 33 -19.57 21.34 -9.34
CA ASP D 33 -20.53 22.00 -10.23
C ASP D 33 -20.40 23.53 -10.18
N GLU D 34 -19.48 24.03 -9.36
CA GLU D 34 -19.19 25.47 -9.32
C GLU D 34 -18.27 25.86 -10.46
N LYS D 35 -17.84 27.12 -10.46
CA LYS D 35 -16.89 27.60 -11.47
C LYS D 35 -15.48 27.13 -11.10
N TRP D 36 -14.81 26.47 -12.04
CA TRP D 36 -13.46 25.98 -11.82
C TRP D 36 -12.45 27.04 -12.19
N LEU D 37 -11.36 27.10 -11.43
CA LEU D 37 -10.27 28.04 -11.71
C LEU D 37 -9.75 27.87 -13.13
N LYS D 38 -9.51 28.99 -13.80
CA LYS D 38 -9.10 28.96 -15.20
C LYS D 38 -7.71 28.35 -15.36
N ASN D 39 -6.84 28.59 -14.37
CA ASN D 39 -5.47 28.08 -14.41
C ASN D 39 -5.01 27.61 -13.04
N VAL D 40 -4.44 26.40 -12.98
CA VAL D 40 -3.93 25.85 -11.72
C VAL D 40 -2.43 25.58 -11.81
N ARG D 41 -1.64 26.41 -11.14
CA ARG D 41 -0.22 26.15 -10.92
C ARG D 41 0.10 25.61 -9.52
N THR D 42 -0.92 25.51 -8.66
CA THR D 42 -0.73 25.15 -7.26
C THR D 42 -1.74 24.11 -6.81
N ALA D 43 -1.69 23.76 -5.52
CA ALA D 43 -2.57 22.73 -4.97
C ALA D 43 -4.03 23.06 -5.24
N TYR D 44 -4.76 22.10 -5.81
CA TYR D 44 -6.16 22.29 -6.14
C TYR D 44 -6.95 21.02 -5.89
N PHE D 45 -8.10 21.17 -5.25
CA PHE D 45 -9.00 20.07 -4.97
C PHE D 45 -10.39 20.43 -5.44
N VAL D 46 -11.07 19.50 -6.11
CA VAL D 46 -12.49 19.68 -6.40
C VAL D 46 -13.25 18.51 -5.81
N CYS D 47 -14.42 18.80 -5.26
CA CYS D 47 -15.22 17.80 -4.56
C CYS D 47 -16.68 17.86 -4.98
N ASP D 48 -17.36 16.73 -4.85
CA ASP D 48 -18.81 16.70 -5.08
C ASP D 48 -19.50 17.18 -3.79
N HIS D 49 -20.82 17.06 -3.76
CA HIS D 49 -21.61 17.68 -2.70
C HIS D 49 -21.40 17.02 -1.33
N ASP D 50 -21.02 15.75 -1.32
CA ASP D 50 -20.84 15.01 -0.07
C ASP D 50 -19.40 15.11 0.46
N GLY D 51 -18.51 15.72 -0.33
CA GLY D 51 -17.18 16.05 0.13
C GLY D 51 -16.06 15.15 -0.39
N SER D 52 -16.40 14.10 -1.14
CA SER D 52 -15.40 13.21 -1.70
C SER D 52 -14.66 13.91 -2.82
N VAL D 53 -13.38 13.58 -3.00
CA VAL D 53 -12.52 14.31 -3.92
C VAL D 53 -12.64 13.78 -5.35
N GLU D 54 -13.13 14.63 -6.24
CA GLU D 54 -13.20 14.33 -7.67
C GLU D 54 -11.88 14.60 -8.37
N LEU D 55 -11.13 15.58 -7.88
CA LEU D 55 -9.84 15.91 -8.46
C LEU D 55 -8.87 16.44 -7.41
N ALA D 56 -7.60 16.07 -7.53
CA ALA D 56 -6.55 16.60 -6.67
C ALA D 56 -5.25 16.75 -7.46
N TYR D 57 -4.59 17.89 -7.29
CA TYR D 57 -3.31 18.14 -7.93
C TYR D 57 -2.29 18.66 -6.92
N LEU D 58 -1.22 17.90 -6.72
CA LEU D 58 -0.16 18.25 -5.77
C LEU D 58 1.16 18.50 -6.49
N PRO D 59 1.64 19.76 -6.52
CA PRO D 59 2.89 20.03 -7.24
C PRO D 59 4.15 19.49 -6.55
N ASN D 60 5.08 19.00 -7.36
CA ASN D 60 6.43 18.65 -6.90
C ASN D 60 6.45 17.75 -5.67
N VAL D 61 5.71 16.64 -5.72
CA VAL D 61 5.74 15.66 -4.63
C VAL D 61 6.94 14.72 -4.74
N LEU D 62 7.35 14.40 -5.97
CA LEU D 62 8.42 13.45 -6.18
C LEU D 62 9.78 14.09 -5.95
N PRO D 63 10.70 13.37 -5.31
CA PRO D 63 12.05 13.92 -5.10
C PRO D 63 12.78 14.17 -6.41
N LYS D 64 13.60 15.22 -6.45
CA LYS D 64 14.25 15.65 -7.68
C LYS D 64 15.11 14.55 -8.30
N GLU D 65 15.99 13.97 -7.51
CA GLU D 65 16.90 12.93 -8.00
C GLU D 65 16.13 11.77 -8.63
N LEU D 66 14.93 11.54 -8.12
CA LEU D 66 14.10 10.43 -8.58
C LEU D 66 13.55 10.70 -9.97
N VAL D 67 13.02 11.91 -10.17
CA VAL D 67 12.46 12.30 -11.45
C VAL D 67 13.56 12.33 -12.51
N GLU D 68 14.76 12.71 -12.09
CA GLU D 68 15.89 12.78 -13.01
C GLU D 68 16.24 11.41 -13.57
N GLU D 69 16.41 10.44 -12.67
CA GLU D 69 16.83 9.09 -13.07
C GLU D 69 15.81 8.41 -13.97
N PHE D 70 14.54 8.50 -13.60
CA PHE D 70 13.48 7.86 -14.36
C PHE D 70 13.36 8.44 -15.76
N THR D 71 13.49 9.76 -15.86
CA THR D 71 13.44 10.42 -17.16
C THR D 71 14.55 9.90 -18.07
N GLU D 72 15.76 9.83 -17.53
CA GLU D 72 16.91 9.36 -18.29
C GLU D 72 16.68 7.95 -18.81
N LYS D 73 16.24 7.05 -17.94
CA LYS D 73 16.01 5.66 -18.31
C LYS D 73 14.82 5.52 -19.27
N PHE D 74 13.78 6.32 -19.05
CA PHE D 74 12.60 6.27 -19.91
C PHE D 74 12.92 6.67 -21.34
N GLU D 75 13.57 7.81 -21.49
CA GLU D 75 13.91 8.31 -22.82
C GLU D 75 14.87 7.35 -23.51
N SER D 76 15.81 6.79 -22.74
CA SER D 76 16.75 5.81 -23.26
C SER D 76 16.02 4.62 -23.89
N ILE D 77 15.01 4.11 -23.18
CA ILE D 77 14.26 2.95 -23.66
C ILE D 77 13.31 3.32 -24.79
N GLN D 78 12.61 4.44 -24.63
CA GLN D 78 11.60 4.87 -25.59
C GLN D 78 12.20 5.11 -26.97
N THR D 79 13.46 5.52 -26.99
CA THR D 79 14.17 5.73 -28.24
C THR D 79 14.14 4.48 -29.11
N GLY D 80 14.27 3.32 -28.47
CA GLY D 80 14.27 2.05 -29.18
C GLY D 80 12.88 1.50 -29.46
N ARG D 81 11.86 2.30 -29.16
CA ARG D 81 10.47 1.88 -29.34
C ARG D 81 9.78 2.64 -30.45
N LYS D 82 8.88 1.96 -31.16
CA LYS D 82 8.14 2.56 -32.26
C LYS D 82 6.92 3.35 -31.77
N LYS D 83 5.98 2.64 -31.17
CA LYS D 83 4.73 3.25 -30.70
C LYS D 83 4.96 4.27 -29.58
N ASP D 84 4.12 5.31 -29.55
CA ASP D 84 4.30 6.39 -28.61
C ASP D 84 3.64 6.12 -27.27
N THR D 85 3.02 4.94 -27.15
CA THR D 85 2.43 4.51 -25.87
C THR D 85 2.91 3.13 -25.48
N GLY D 86 2.70 2.79 -24.21
CA GLY D 86 3.05 1.49 -23.69
C GLY D 86 2.25 1.22 -22.43
N TYR D 87 2.14 -0.05 -22.04
CA TYR D 87 1.34 -0.42 -20.88
C TYR D 87 1.97 -1.55 -20.07
N SER D 88 1.76 -1.51 -18.75
CA SER D 88 2.24 -2.58 -17.88
C SER D 88 1.09 -3.10 -17.02
N GLY D 89 1.30 -4.26 -16.40
CA GLY D 89 0.23 -4.95 -15.72
C GLY D 89 -0.77 -5.55 -16.68
N ILE D 90 -2.05 -5.25 -16.50
CA ILE D 90 -3.11 -5.91 -17.26
C ILE D 90 -3.92 -4.93 -18.09
N LEU D 91 -4.59 -5.48 -19.11
CA LEU D 91 -5.57 -4.74 -19.89
C LEU D 91 -6.74 -5.66 -20.21
N ASP D 92 -7.95 -5.14 -20.12
CA ASP D 92 -9.17 -5.88 -20.50
C ASP D 92 -9.67 -5.56 -21.91
N ASN D 93 -8.97 -4.68 -22.61
CA ASN D 93 -9.49 -4.08 -23.85
C ASN D 93 -9.88 -5.09 -24.94
N SER D 94 -11.10 -4.95 -25.43
CA SER D 94 -11.63 -5.74 -26.55
C SER D 94 -11.69 -7.25 -26.28
N MET D 95 -11.73 -7.64 -25.01
CA MET D 95 -11.83 -9.05 -24.64
C MET D 95 -12.69 -9.18 -23.38
N PRO D 96 -13.42 -10.30 -23.24
CA PRO D 96 -14.09 -10.48 -21.95
C PRO D 96 -13.20 -11.20 -20.95
N PHE D 97 -11.95 -10.75 -20.85
CA PHE D 97 -11.03 -11.24 -19.84
C PHE D 97 -9.90 -10.24 -19.67
N ASN D 98 -9.23 -10.31 -18.53
CA ASN D 98 -8.01 -9.53 -18.32
C ASN D 98 -6.82 -10.33 -18.82
N TYR D 99 -5.86 -9.65 -19.43
CA TYR D 99 -4.67 -10.31 -19.95
C TYR D 99 -3.43 -9.46 -19.68
N VAL D 100 -2.28 -10.13 -19.63
CA VAL D 100 -1.01 -9.45 -19.42
C VAL D 100 -0.64 -8.61 -20.64
N THR D 101 -0.19 -7.38 -20.40
CA THR D 101 0.17 -6.49 -21.50
C THR D 101 1.36 -7.03 -22.28
N ALA D 102 1.41 -6.72 -23.57
CA ALA D 102 2.46 -7.22 -24.43
C ALA D 102 3.80 -6.58 -24.09
N ASP D 103 3.75 -5.40 -23.49
CA ASP D 103 4.98 -4.66 -23.18
C ASP D 103 5.68 -5.13 -21.90
N LEU D 104 4.97 -5.89 -21.07
CA LEU D 104 5.50 -6.31 -19.77
C LEU D 104 6.82 -7.07 -19.88
N SER D 105 6.93 -7.93 -20.88
CA SER D 105 8.14 -8.69 -21.11
C SER D 105 9.25 -7.83 -21.72
N GLN D 106 8.85 -6.71 -22.33
CA GLN D 106 9.81 -5.84 -23.01
C GLN D 106 10.64 -5.03 -22.02
N GLU D 107 11.57 -4.26 -22.55
CA GLU D 107 12.48 -3.48 -21.72
C GLU D 107 11.73 -2.38 -20.98
N LEU D 108 10.64 -1.88 -21.58
CA LEU D 108 9.82 -0.85 -20.96
C LEU D 108 9.01 -1.41 -19.78
N GLY D 109 8.32 -2.52 -20.03
CA GLY D 109 7.47 -3.13 -19.03
C GLY D 109 8.27 -3.64 -17.85
N GLN D 110 9.46 -4.16 -18.11
CA GLN D 110 10.36 -4.62 -17.06
C GLN D 110 10.75 -3.46 -16.16
N TYR D 111 11.09 -2.33 -16.76
CA TYR D 111 11.51 -1.17 -15.99
C TYR D 111 10.35 -0.64 -15.17
N LEU D 112 9.16 -0.65 -15.75
CA LEU D 112 7.97 -0.13 -15.06
C LEU D 112 7.58 -1.01 -13.88
N SER D 113 7.45 -2.30 -14.13
CA SER D 113 6.94 -3.22 -13.12
C SER D 113 7.93 -3.44 -12.00
N GLU D 114 9.17 -3.77 -12.33
CA GLU D 114 10.16 -4.16 -11.33
C GLU D 114 10.83 -3.00 -10.58
N ILE D 115 10.95 -1.84 -11.22
CA ILE D 115 11.72 -0.72 -10.67
C ILE D 115 10.86 0.51 -10.34
N VAL D 116 10.25 1.10 -11.35
CA VAL D 116 9.52 2.35 -11.16
C VAL D 116 8.31 2.19 -10.23
N ASN D 117 7.47 1.21 -10.51
CA ASN D 117 6.20 1.07 -9.81
C ASN D 117 6.32 0.86 -8.30
N PRO D 118 7.22 -0.03 -7.85
CA PRO D 118 7.40 -0.22 -6.42
C PRO D 118 7.67 1.09 -5.68
N GLN D 119 8.43 1.99 -6.31
CA GLN D 119 8.76 3.25 -5.68
C GLN D 119 7.60 4.24 -5.79
N ILE D 120 6.95 4.27 -6.96
CA ILE D 120 5.82 5.16 -7.16
C ILE D 120 4.62 4.73 -6.32
N ASN D 121 4.52 3.41 -6.07
CA ASN D 121 3.40 2.87 -5.31
C ASN D 121 3.31 3.49 -3.92
N TYR D 122 4.45 3.86 -3.36
CA TYR D 122 4.48 4.46 -2.04
C TYR D 122 3.87 5.86 -2.06
N TYR D 123 4.09 6.57 -3.16
CA TYR D 123 3.51 7.91 -3.32
C TYR D 123 2.05 7.83 -3.73
N ILE D 124 1.68 6.77 -4.45
CA ILE D 124 0.28 6.52 -4.70
C ILE D 124 -0.40 6.23 -3.37
N SER D 125 0.30 5.49 -2.51
CA SER D 125 -0.22 5.19 -1.19
C SER D 125 -0.32 6.48 -0.37
N LYS D 126 0.71 7.31 -0.42
CA LYS D 126 0.67 8.62 0.22
C LYS D 126 -0.54 9.39 -0.29
N LEU D 127 -0.69 9.40 -1.61
CA LEU D 127 -1.75 10.16 -2.27
C LEU D 127 -3.14 9.71 -1.85
N LEU D 128 -3.42 8.43 -2.02
CA LEU D 128 -4.77 7.92 -1.80
C LEU D 128 -5.18 8.03 -0.33
N THR D 129 -4.25 7.75 0.58
CA THR D 129 -4.54 7.87 2.00
C THR D 129 -5.01 9.28 2.38
N CYS D 130 -4.52 10.28 1.65
CA CYS D 130 -4.92 11.66 1.89
C CYS D 130 -6.27 11.99 1.26
N VAL D 131 -6.33 11.99 -0.07
CA VAL D 131 -7.52 12.49 -0.77
C VAL D 131 -8.70 11.52 -0.83
N SER D 132 -8.46 10.25 -1.15
CA SER D 132 -9.56 9.29 -1.28
C SER D 132 -9.33 7.96 -0.58
N SER D 133 -10.12 7.69 0.45
CA SER D 133 -10.06 6.42 1.15
C SER D 133 -10.82 5.37 0.37
N ARG D 134 -11.89 5.78 -0.29
CA ARG D 134 -12.76 4.85 -0.99
C ARG D 134 -12.03 4.22 -2.16
N THR D 135 -11.08 4.96 -2.73
CA THR D 135 -10.31 4.47 -3.88
C THR D 135 -9.41 3.33 -3.47
N ILE D 136 -8.66 3.53 -2.40
CA ILE D 136 -7.64 2.57 -2.00
C ILE D 136 -8.30 1.33 -1.37
N ASN D 137 -9.37 1.51 -0.62
CA ASN D 137 -10.06 0.37 -0.02
CA ASN D 137 -10.10 0.39 -0.03
C ASN D 137 -10.61 -0.53 -1.12
N TYR D 138 -10.91 0.06 -2.27
CA TYR D 138 -11.44 -0.68 -3.40
C TYR D 138 -10.33 -1.40 -4.17
N LEU D 139 -9.21 -0.73 -4.35
CA LEU D 139 -8.12 -1.29 -5.17
C LEU D 139 -7.51 -2.53 -4.54
N VAL D 140 -7.64 -2.65 -3.22
CA VAL D 140 -7.09 -3.81 -2.52
C VAL D 140 -8.08 -4.96 -2.53
N SER D 141 -9.23 -4.75 -3.14
CA SER D 141 -10.22 -5.82 -3.29
C SER D 141 -10.02 -6.57 -4.60
N LEU D 142 -9.00 -6.21 -5.34
CA LEU D 142 -8.71 -6.84 -6.62
C LEU D 142 -7.86 -8.08 -6.44
N ASN D 143 -7.59 -8.75 -7.55
CA ASN D 143 -6.84 -10.00 -7.56
C ASN D 143 -5.41 -9.80 -7.06
N ASP D 144 -4.93 -10.74 -6.25
CA ASP D 144 -3.55 -10.70 -5.75
C ASP D 144 -2.57 -10.71 -6.92
N SER D 145 -2.98 -11.35 -8.01
CA SER D 145 -2.11 -11.50 -9.17
C SER D 145 -1.82 -10.13 -9.78
N TYR D 146 -2.83 -9.27 -9.83
CA TYR D 146 -2.69 -7.96 -10.44
C TYR D 146 -1.65 -7.14 -9.66
N TYR D 147 -1.79 -7.10 -8.34
CA TYR D 147 -0.89 -6.33 -7.48
C TYR D 147 0.55 -6.81 -7.63
N ALA D 148 0.73 -8.12 -7.67
CA ALA D 148 2.05 -8.72 -7.82
C ALA D 148 2.62 -8.47 -9.21
N LEU D 149 1.76 -8.60 -10.21
CA LEU D 149 2.17 -8.48 -11.61
C LEU D 149 2.68 -7.08 -11.93
N ASN D 150 1.92 -6.08 -11.50
CA ASN D 150 2.26 -4.69 -11.76
C ASN D 150 2.99 -4.00 -10.61
N ASN D 151 3.16 -4.71 -9.49
CA ASN D 151 3.78 -4.14 -8.29
C ASN D 151 3.19 -2.78 -7.93
N CYS D 152 1.86 -2.68 -8.00
CA CYS D 152 1.18 -1.43 -7.69
C CYS D 152 -0.28 -1.67 -7.28
N LEU D 153 -0.87 -0.70 -6.59
CA LEU D 153 -2.28 -0.80 -6.20
C LEU D 153 -3.20 -0.75 -7.43
N TYR D 154 -2.73 -0.11 -8.49
CA TYR D 154 -3.45 -0.06 -9.76
C TYR D 154 -3.02 -1.24 -10.66
N PRO D 155 -3.99 -1.98 -11.22
CA PRO D 155 -3.60 -3.14 -12.02
C PRO D 155 -2.89 -2.77 -13.30
N SER D 156 -3.07 -1.53 -13.75
CA SER D 156 -2.60 -1.10 -15.06
C SER D 156 -1.88 0.24 -15.01
N THR D 157 -0.73 0.30 -15.68
CA THR D 157 0.03 1.55 -15.85
C THR D 157 0.18 1.89 -17.32
N ALA D 158 -0.18 3.12 -17.68
CA ALA D 158 0.00 3.61 -19.04
C ALA D 158 1.21 4.53 -19.12
N PHE D 159 1.99 4.36 -20.19
CA PHE D 159 3.18 5.17 -20.44
C PHE D 159 2.97 6.05 -21.67
N ASN D 160 2.87 7.36 -21.46
CA ASN D 160 2.63 8.31 -22.54
C ASN D 160 3.89 9.13 -22.87
N SER D 161 4.36 8.98 -24.10
CA SER D 161 5.51 9.75 -24.59
C SER D 161 5.05 10.75 -25.64
N LEU D 162 5.10 12.03 -25.31
CA LEU D 162 4.67 13.09 -26.21
C LEU D 162 5.85 13.97 -26.64
N LYS D 163 6.27 13.82 -27.88
CA LYS D 163 7.25 14.71 -28.48
C LYS D 163 6.51 15.84 -29.20
N PRO D 164 7.21 16.97 -29.44
CA PRO D 164 6.58 18.16 -30.03
C PRO D 164 5.82 17.92 -31.35
N SER D 165 4.72 18.64 -31.50
CA SER D 165 3.96 18.68 -32.75
C SER D 165 3.44 17.32 -33.21
N ASN D 166 3.20 16.41 -32.27
CA ASN D 166 2.47 15.18 -32.59
C ASN D 166 1.04 15.32 -32.11
N ASP D 167 0.12 15.52 -33.05
CA ASP D 167 -1.29 15.68 -32.73
C ASP D 167 -2.04 14.36 -32.81
N GLY D 168 -1.36 13.33 -33.31
CA GLY D 168 -1.97 12.02 -33.47
C GLY D 168 -2.11 11.28 -32.15
N HIS D 169 -1.33 11.69 -31.16
CA HIS D 169 -1.34 11.05 -29.86
C HIS D 169 -2.74 11.14 -29.23
N ARG D 170 -3.16 10.05 -28.58
CA ARG D 170 -4.51 9.96 -28.06
C ARG D 170 -4.77 10.96 -26.94
N ILE D 171 -3.71 11.46 -26.32
CA ILE D 171 -3.85 12.44 -25.24
C ILE D 171 -4.13 13.83 -25.80
N ARG D 172 -3.73 14.04 -27.05
CA ARG D 172 -3.94 15.32 -27.73
C ARG D 172 -5.40 15.48 -28.17
N LYS D 173 -6.12 14.36 -28.20
CA LYS D 173 -7.52 14.38 -28.63
C LYS D 173 -8.43 14.43 -27.40
N PRO D 174 -9.34 15.43 -27.34
CA PRO D 174 -10.24 15.48 -26.18
C PRO D 174 -11.04 14.20 -26.01
N HIS D 175 -11.04 13.67 -24.79
CA HIS D 175 -11.69 12.41 -24.49
C HIS D 175 -12.00 12.29 -23.01
N LYS D 176 -12.90 11.37 -22.69
CA LYS D 176 -12.97 10.83 -21.35
C LYS D 176 -12.29 9.47 -21.41
N ASP D 177 -12.15 8.80 -20.26
CA ASP D 177 -11.70 7.42 -20.26
C ASP D 177 -12.85 6.56 -19.76
N ASN D 178 -13.46 5.83 -20.69
CA ASN D 178 -14.77 5.24 -20.47
C ASN D 178 -14.74 3.94 -19.68
N LEU D 179 -13.58 3.29 -19.64
CA LEU D 179 -13.46 2.00 -18.97
C LEU D 179 -13.03 2.09 -17.51
N ASP D 180 -12.64 3.28 -17.04
CA ASP D 180 -12.11 3.42 -15.69
C ASP D 180 -13.20 3.32 -14.63
N ILE D 181 -13.02 2.41 -13.68
CA ILE D 181 -13.98 2.26 -12.59
C ILE D 181 -13.57 3.08 -11.36
N THR D 182 -12.36 3.62 -11.39
CA THR D 182 -11.88 4.51 -10.33
C THR D 182 -11.02 5.63 -10.90
N PRO D 183 -10.89 6.73 -10.15
CA PRO D 183 -10.02 7.82 -10.58
C PRO D 183 -8.58 7.35 -10.76
N SER D 184 -7.87 7.96 -11.70
CA SER D 184 -6.50 7.58 -12.01
C SER D 184 -5.50 8.53 -11.37
N SER D 185 -4.36 7.99 -10.95
CA SER D 185 -3.27 8.79 -10.41
C SER D 185 -2.23 9.01 -11.49
N LEU D 186 -1.91 10.27 -11.78
CA LEU D 186 -1.00 10.60 -12.86
C LEU D 186 0.32 11.15 -12.33
N PHE D 187 1.42 10.73 -12.93
CA PHE D 187 2.76 11.19 -12.58
C PHE D 187 3.47 11.66 -13.84
N TYR D 188 4.19 12.78 -13.74
CA TYR D 188 4.80 13.39 -14.92
C TYR D 188 6.32 13.37 -14.86
N PHE D 189 6.93 13.25 -16.03
CA PHE D 189 8.38 13.16 -16.17
C PHE D 189 8.84 13.88 -17.44
N GLY D 190 10.13 13.78 -17.75
CA GLY D 190 10.68 14.43 -18.92
C GLY D 190 10.95 15.89 -18.66
N ASN D 191 11.06 16.68 -19.73
CA ASN D 191 11.26 18.11 -19.60
C ASN D 191 10.42 18.90 -20.60
N PHE D 192 9.58 19.78 -20.08
CA PHE D 192 8.79 20.69 -20.91
C PHE D 192 8.43 21.93 -20.09
N GLN D 193 8.21 23.04 -20.78
CA GLN D 193 7.91 24.30 -20.10
C GLN D 193 6.51 24.28 -19.48
N ASN D 194 6.30 25.14 -18.50
CA ASN D 194 5.03 25.17 -17.77
C ASN D 194 4.00 26.04 -18.49
N THR D 195 4.38 26.57 -19.63
CA THR D 195 3.44 27.24 -20.53
C THR D 195 2.85 26.26 -21.53
N GLU D 196 3.38 25.04 -21.56
CA GLU D 196 3.02 24.03 -22.54
C GLU D 196 2.72 22.67 -21.89
N GLY D 197 2.06 21.80 -22.63
CA GLY D 197 1.85 20.43 -22.21
C GLY D 197 0.89 20.26 -21.05
N TYR D 198 0.13 21.31 -20.74
CA TYR D 198 -0.79 21.28 -19.62
C TYR D 198 -1.98 20.37 -19.94
N LEU D 199 -2.68 19.94 -18.90
CA LEU D 199 -3.90 19.16 -19.08
C LEU D 199 -5.12 20.07 -18.89
N GLU D 200 -5.89 20.23 -19.95
CA GLU D 200 -7.11 21.03 -19.90
C GLU D 200 -8.32 20.14 -19.70
N LEU D 201 -9.22 20.57 -18.82
CA LEU D 201 -10.56 19.98 -18.74
C LEU D 201 -11.48 20.83 -19.59
N THR D 202 -11.91 20.27 -20.72
CA THR D 202 -12.51 21.06 -21.78
C THR D 202 -13.83 21.69 -21.36
N ASP D 203 -14.70 20.90 -20.76
CA ASP D 203 -16.02 21.38 -20.38
C ASP D 203 -15.96 22.31 -19.18
N LYS D 204 -14.95 22.15 -18.35
CA LYS D 204 -14.81 22.96 -17.14
C LYS D 204 -13.92 24.19 -17.35
N ASN D 205 -13.33 24.29 -18.54
CA ASN D 205 -12.40 25.38 -18.86
C ASN D 205 -11.36 25.59 -17.75
N CYS D 206 -10.74 24.49 -17.34
CA CYS D 206 -9.71 24.51 -16.30
C CYS D 206 -8.43 23.90 -16.86
N LYS D 207 -7.38 24.71 -16.94
CA LYS D 207 -6.09 24.25 -17.43
C LYS D 207 -5.12 24.05 -16.27
N VAL D 208 -4.79 22.78 -16.00
CA VAL D 208 -3.84 22.45 -14.94
C VAL D 208 -2.45 22.30 -15.54
N PHE D 209 -1.54 23.19 -15.15
CA PHE D 209 -0.21 23.19 -15.74
C PHE D 209 0.65 22.25 -14.92
N VAL D 210 1.04 21.15 -15.55
CA VAL D 210 1.71 20.06 -14.85
C VAL D 210 3.18 20.03 -15.25
N GLN D 211 4.02 19.66 -14.28
CA GLN D 211 5.45 19.58 -14.50
C GLN D 211 5.98 18.29 -13.91
N PRO D 212 7.18 17.87 -14.35
CA PRO D 212 7.80 16.67 -13.78
C PRO D 212 7.85 16.74 -12.26
N GLY D 213 7.46 15.64 -11.60
CA GLY D 213 7.42 15.57 -10.16
C GLY D 213 6.03 15.79 -9.61
N ASP D 214 5.16 16.39 -10.41
CA ASP D 214 3.78 16.66 -10.00
C ASP D 214 2.95 15.38 -9.99
N VAL D 215 1.84 15.40 -9.24
CA VAL D 215 0.86 14.32 -9.28
C VAL D 215 -0.54 14.85 -9.50
N LEU D 216 -1.31 14.13 -10.31
CA LEU D 216 -2.68 14.50 -10.61
C LEU D 216 -3.61 13.31 -10.39
N PHE D 217 -4.61 13.54 -9.56
CA PHE D 217 -5.62 12.54 -9.23
C PHE D 217 -6.98 13.07 -9.66
N PHE D 218 -7.59 12.44 -10.64
CA PHE D 218 -8.93 12.86 -11.08
C PHE D 218 -9.67 11.74 -11.81
N LYS D 219 -10.98 11.87 -11.91
CA LYS D 219 -11.78 10.91 -12.67
C LYS D 219 -11.66 11.17 -14.16
N GLY D 220 -11.13 10.19 -14.88
CA GLY D 220 -11.01 10.29 -16.32
C GLY D 220 -12.32 9.92 -16.99
N ASN D 221 -13.18 9.24 -16.24
CA ASN D 221 -14.44 8.73 -16.78
C ASN D 221 -15.58 9.74 -16.68
N GLU D 222 -15.34 10.85 -15.98
CA GLU D 222 -16.37 11.87 -15.81
C GLU D 222 -16.00 13.13 -16.60
N TYR D 223 -14.90 13.76 -16.22
CA TYR D 223 -14.49 15.01 -16.84
C TYR D 223 -13.70 14.78 -18.11
N LYS D 224 -14.18 15.35 -19.21
CA LYS D 224 -13.49 15.29 -20.49
C LYS D 224 -12.20 16.10 -20.43
N HIS D 225 -11.12 15.56 -20.97
CA HIS D 225 -9.81 16.19 -20.85
C HIS D 225 -8.97 16.02 -22.11
N VAL D 226 -7.96 16.87 -22.23
CA VAL D 226 -7.04 16.85 -23.37
C VAL D 226 -5.69 17.41 -22.94
N VAL D 227 -4.62 16.93 -23.58
CA VAL D 227 -3.26 17.42 -23.32
C VAL D 227 -2.85 18.39 -24.42
N ALA D 228 -2.29 19.53 -24.00
CA ALA D 228 -1.84 20.56 -24.92
C ALA D 228 -0.54 20.16 -25.63
N ASN D 229 -0.28 20.78 -26.78
CA ASN D 229 0.96 20.54 -27.51
C ASN D 229 2.14 21.12 -26.75
N ILE D 230 3.33 20.60 -27.05
CA ILE D 230 4.57 21.21 -26.59
C ILE D 230 5.42 21.58 -27.81
N THR D 231 6.00 22.77 -27.78
CA THR D 231 6.80 23.26 -28.90
C THR D 231 8.25 22.79 -28.78
N SER D 232 8.61 22.31 -27.59
CA SER D 232 9.98 21.90 -27.32
C SER D 232 10.03 20.90 -26.17
N GLY D 233 11.14 20.19 -26.07
CA GLY D 233 11.37 19.29 -24.96
C GLY D 233 10.63 17.97 -25.11
N TRP D 234 10.56 17.22 -24.02
CA TRP D 234 9.95 15.89 -24.01
C TRP D 234 9.00 15.76 -22.82
N ARG D 235 7.72 15.56 -23.11
CA ARG D 235 6.71 15.40 -22.07
C ARG D 235 6.36 13.93 -21.91
N ILE D 236 6.76 13.35 -20.79
CA ILE D 236 6.49 11.95 -20.48
C ILE D 236 5.61 11.88 -19.25
N GLY D 237 4.65 10.95 -19.24
CA GLY D 237 3.75 10.82 -18.12
C GLY D 237 3.29 9.40 -17.91
N LEU D 238 2.85 9.13 -16.69
CA LEU D 238 2.39 7.81 -16.30
C LEU D 238 0.98 7.92 -15.75
N VAL D 239 0.08 7.09 -16.29
CA VAL D 239 -1.29 7.02 -15.80
C VAL D 239 -1.54 5.67 -15.15
N TYR D 240 -1.71 5.67 -13.84
CA TYR D 240 -2.06 4.47 -13.09
C TYR D 240 -3.58 4.40 -12.95
N PHE D 241 -4.17 3.34 -13.48
CA PHE D 241 -5.61 3.25 -13.57
C PHE D 241 -6.13 1.83 -13.37
N ALA D 242 -7.43 1.74 -13.10
CA ALA D 242 -8.11 0.46 -12.97
C ALA D 242 -9.38 0.46 -13.81
N HIS D 243 -9.43 -0.44 -14.79
CA HIS D 243 -10.62 -0.60 -15.61
C HIS D 243 -11.69 -1.38 -14.84
N LYS D 244 -12.93 -1.22 -15.26
CA LYS D 244 -14.05 -1.98 -14.72
C LYS D 244 -13.83 -3.48 -14.91
N GLY D 245 -13.09 -3.84 -15.95
CA GLY D 245 -12.86 -5.23 -16.28
C GLY D 245 -12.05 -5.99 -15.24
N SER D 246 -11.14 -5.30 -14.58
CA SER D 246 -10.24 -5.93 -13.62
C SER D 246 -11.04 -6.58 -12.49
N LYS D 247 -12.11 -5.92 -12.08
CA LYS D 247 -12.99 -6.44 -11.03
C LYS D 247 -13.98 -7.49 -11.56
N THR D 248 -14.38 -7.36 -12.81
CA THR D 248 -15.45 -8.19 -13.37
C THR D 248 -14.93 -9.40 -14.16
N LYS D 249 -14.22 -9.14 -15.24
CA LYS D 249 -13.77 -10.19 -16.14
C LYS D 249 -12.69 -11.07 -15.50
N PRO D 250 -12.57 -12.34 -15.95
CA PRO D 250 -11.60 -13.26 -15.36
C PRO D 250 -10.16 -13.01 -15.82
N TYR D 251 -9.23 -13.80 -15.28
CA TYR D 251 -7.81 -13.65 -15.56
C TYR D 251 -7.14 -15.00 -15.76
N TYR D 252 -6.59 -15.21 -16.95
CA TYR D 252 -5.95 -16.48 -17.29
C TYR D 252 -4.44 -16.48 -17.15
N GLU D 253 -3.87 -15.38 -16.67
CA GLU D 253 -2.43 -15.30 -16.40
C GLU D 253 -1.57 -15.48 -17.65
N ASP D 254 -1.99 -14.85 -18.74
CA ASP D 254 -1.22 -14.90 -19.99
C ASP D 254 -1.51 -13.66 -20.84
N THR D 255 -0.85 -13.56 -21.99
CA THR D 255 -1.04 -12.42 -22.87
C THR D 255 -2.38 -12.52 -23.60
N GLN D 256 -2.67 -11.52 -24.41
CA GLN D 256 -3.98 -11.39 -25.04
C GLN D 256 -4.34 -12.57 -25.92
N LYS D 257 -3.46 -12.89 -26.87
CA LYS D 257 -3.70 -13.95 -27.83
C LYS D 257 -3.92 -15.29 -27.12
N ASN D 258 -2.95 -15.67 -26.30
CA ASN D 258 -3.01 -16.95 -25.60
C ASN D 258 -4.22 -17.05 -24.67
N SER D 259 -4.52 -15.95 -23.98
CA SER D 259 -5.62 -15.93 -23.02
C SER D 259 -6.96 -16.13 -23.72
N LEU D 260 -7.01 -15.75 -25.00
CA LEU D 260 -8.23 -15.91 -25.77
C LEU D 260 -8.51 -17.38 -26.04
N LYS D 261 -7.46 -18.12 -26.41
CA LYS D 261 -7.59 -19.55 -26.65
C LYS D 261 -8.10 -20.24 -25.39
N ILE D 262 -7.44 -19.96 -24.27
CA ILE D 262 -7.78 -20.55 -22.98
C ILE D 262 -9.22 -20.21 -22.61
N HIS D 263 -9.64 -19.00 -22.93
CA HIS D 263 -10.97 -18.52 -22.58
C HIS D 263 -12.05 -19.29 -23.33
N LYS D 264 -11.80 -19.56 -24.61
CA LYS D 264 -12.76 -20.24 -25.46
C LYS D 264 -13.00 -21.68 -24.99
N GLU D 265 -11.91 -22.38 -24.73
CA GLU D 265 -12.01 -23.77 -24.28
C GLU D 265 -12.47 -23.86 -22.84
N THR D 266 -12.52 -22.72 -22.15
CA THR D 266 -13.03 -22.66 -20.78
C THR D 266 -14.56 -22.52 -20.79
#